data_1YSR
#
_entry.id   1YSR
#
_cell.length_a   61.047
_cell.length_b   61.047
_cell.length_c   208.429
_cell.angle_alpha   90.00
_cell.angle_beta   90.00
_cell.angle_gamma   120.00
#
_symmetry.space_group_name_H-M   'P 65'
#
loop_
_entity.id
_entity.type
_entity.pdbx_description
1 polymer 'Sensor-type histidine kinase prrB'
2 non-polymer 2-AMINO-2-HYDROXYMETHYL-PROPANE-1,3-DIOL
3 non-polymer GLYCEROL
4 water water
#
_entity_poly.entity_id   1
_entity_poly.type   'polypeptide(L)'
_entity_poly.pdbx_seq_one_letter_code
;TSDDHVPVDITDLLDRAAHDAARIYPDLDVSLVPSPTCIIVGLPAGLRLAVDNAIANAVKHGGATLVQLSAVSSRAGVEI
AIDDNGSGVPEGERQVVFERFSRGSTASHSGSGLGLALVAQQAQLHGGTASLENSPLGGARLVLRLPGPS
;
_entity_poly.pdbx_strand_id   A,B,C
#
loop_
_chem_comp.id
_chem_comp.type
_chem_comp.name
_chem_comp.formula
GOL non-polymer GLYCEROL 'C3 H8 O3'
TRS non-polymer 2-AMINO-2-HYDROXYMETHYL-PROPANE-1,3-DIOL 'C4 H12 N O3 1'
#
# COMPACT_ATOMS: atom_id res chain seq x y z
N ASP A 3 -8.65 14.30 0.27
CA ASP A 3 -7.38 13.58 0.62
C ASP A 3 -6.74 12.79 -0.53
N ASP A 4 -5.43 12.55 -0.45
CA ASP A 4 -4.73 11.51 -1.23
C ASP A 4 -4.84 10.14 -0.49
N HIS A 5 -5.77 10.04 0.44
CA HIS A 5 -5.93 8.81 1.21
C HIS A 5 -6.73 7.82 0.39
N VAL A 6 -6.31 6.57 0.42
CA VAL A 6 -6.95 5.52 -0.41
C VAL A 6 -7.07 4.27 0.44
N PRO A 7 -7.81 3.26 -0.04
CA PRO A 7 -7.95 2.00 0.68
C PRO A 7 -6.58 1.39 0.88
N VAL A 8 -6.28 0.93 2.09
CA VAL A 8 -5.02 0.26 2.39
C VAL A 8 -5.31 -1.01 3.15
N ASP A 9 -4.87 -2.14 2.62
CA ASP A 9 -4.95 -3.40 3.37
C ASP A 9 -3.77 -3.44 4.32
N ILE A 10 -4.02 -3.08 5.58
CA ILE A 10 -2.94 -2.94 6.57
C ILE A 10 -2.24 -4.26 6.78
N THR A 11 -3.05 -5.32 6.74
CA THR A 11 -2.56 -6.65 6.96
C THR A 11 -1.56 -7.08 5.88
N ASP A 12 -1.89 -6.85 4.61
CA ASP A 12 -0.98 -7.15 3.52
C ASP A 12 0.25 -6.25 3.59
N LEU A 13 0.06 -4.97 3.95
CA LEU A 13 1.18 -4.05 4.12
C LEU A 13 2.20 -4.64 5.11
N LEU A 14 1.71 -5.08 6.25
CA LEU A 14 2.60 -5.71 7.26
C LEU A 14 3.32 -6.95 6.70
N ASP A 15 2.57 -7.79 5.99
CA ASP A 15 3.11 -9.05 5.42
C ASP A 15 4.26 -8.67 4.49
N ARG A 16 4.06 -7.69 3.60
CA ARG A 16 5.13 -7.27 2.70
C ARG A 16 6.26 -6.63 3.44
N ALA A 17 5.94 -5.80 4.45
CA ALA A 17 7.00 -5.16 5.19
C ALA A 17 7.92 -6.21 5.82
N ALA A 18 7.30 -7.25 6.35
CA ALA A 18 8.11 -8.25 7.10
C ALA A 18 8.98 -9.00 6.07
N HIS A 19 8.40 -9.32 4.91
CA HIS A 19 9.13 -10.06 3.87
C HIS A 19 10.30 -9.25 3.37
N ASP A 20 10.08 -7.97 3.10
CA ASP A 20 11.14 -7.10 2.65
C ASP A 20 12.19 -6.87 3.70
N ALA A 21 11.78 -6.68 4.97
CA ALA A 21 12.74 -6.48 6.07
C ALA A 21 13.68 -7.69 6.23
N ALA A 22 13.11 -8.88 6.13
CA ALA A 22 13.89 -10.12 6.26
C ALA A 22 15.00 -10.20 5.24
N ARG A 23 14.85 -9.48 4.12
CA ARG A 23 15.90 -9.41 3.09
C ARG A 23 16.96 -8.35 3.38
N ILE A 24 16.61 -7.30 4.12
CA ILE A 24 17.55 -6.24 4.43
C ILE A 24 18.39 -6.58 5.64
N TYR A 25 17.78 -7.33 6.56
CA TYR A 25 18.41 -7.61 7.86
C TYR A 25 18.67 -9.10 7.97
N PRO A 26 19.91 -9.51 7.64
CA PRO A 26 20.19 -10.96 7.62
C PRO A 26 20.00 -11.54 9.02
N ASP A 27 19.50 -12.76 9.13
CA ASP A 27 19.39 -13.32 10.48
C ASP A 27 18.27 -12.72 11.35
N LEU A 28 17.69 -11.57 10.97
CA LEU A 28 16.49 -11.09 11.69
C LEU A 28 15.35 -12.05 11.41
N ASP A 29 14.63 -12.51 12.45
CA ASP A 29 13.43 -13.34 12.29
C ASP A 29 12.27 -12.33 12.39
N VAL A 30 11.66 -12.02 11.26
CA VAL A 30 10.61 -10.99 11.24
C VAL A 30 9.43 -11.55 10.45
N SER A 31 8.22 -11.39 11.00
CA SER A 31 7.07 -11.97 10.39
C SER A 31 5.79 -11.29 10.85
N LEU A 32 4.76 -11.44 10.02
CA LEU A 32 3.43 -11.07 10.40
C LEU A 32 2.81 -12.26 11.10
N VAL A 33 2.43 -12.04 12.34
CA VAL A 33 1.61 -12.93 13.15
C VAL A 33 0.19 -13.09 12.57
N PRO A 34 -0.42 -14.31 12.63
CA PRO A 34 -1.74 -14.53 12.06
C PRO A 34 -2.71 -13.41 12.44
N SER A 35 -3.26 -12.71 11.43
CA SER A 35 -4.08 -11.53 11.70
C SER A 35 -5.27 -11.48 10.73
N PRO A 36 -6.42 -10.93 11.17
CA PRO A 36 -7.50 -10.78 10.19
C PRO A 36 -7.09 -9.72 9.24
N THR A 37 -7.66 -9.75 8.04
CA THR A 37 -7.49 -8.68 7.07
C THR A 37 -8.17 -7.42 7.51
N CYS A 38 -7.39 -6.33 7.61
CA CYS A 38 -7.95 -5.04 7.97
C CYS A 38 -7.74 -4.00 6.91
N ILE A 39 -8.84 -3.43 6.41
CA ILE A 39 -8.70 -2.34 5.44
C ILE A 39 -8.98 -1.01 6.14
N ILE A 40 -8.10 0.00 5.94
CA ILE A 40 -8.41 1.37 6.37
C ILE A 40 -8.24 2.27 5.19
N VAL A 41 -8.58 3.54 5.36
CA VAL A 41 -8.30 4.50 4.36
C VAL A 41 -7.15 5.32 4.90
N GLY A 42 -6.12 5.47 4.08
CA GLY A 42 -4.87 5.98 4.58
C GLY A 42 -3.88 6.21 3.47
N LEU A 43 -2.63 6.46 3.87
CA LEU A 43 -1.59 6.80 2.90
C LEU A 43 -0.64 5.62 2.91
N PRO A 44 -0.68 4.75 1.86
CA PRO A 44 0.11 3.54 1.97
C PRO A 44 1.62 3.79 2.04
N ALA A 45 2.16 4.83 1.39
CA ALA A 45 3.61 5.05 1.49
C ALA A 45 3.98 5.47 2.94
N GLY A 46 3.15 6.30 3.55
CA GLY A 46 3.45 6.83 4.90
C GLY A 46 3.29 5.69 5.90
N LEU A 47 2.23 4.87 5.74
CA LEU A 47 2.05 3.75 6.72
C LEU A 47 3.21 2.75 6.64
N ARG A 48 3.58 2.44 5.40
CA ARG A 48 4.69 1.51 5.21
C ARG A 48 5.96 2.10 5.78
N LEU A 49 6.20 3.38 5.55
CA LEU A 49 7.40 4.00 6.09
C LEU A 49 7.47 3.95 7.65
N ALA A 50 6.33 4.18 8.29
CA ALA A 50 6.21 4.14 9.78
C ALA A 50 6.64 2.73 10.24
N VAL A 51 6.11 1.73 9.58
CA VAL A 51 6.45 0.31 9.90
C VAL A 51 7.91 0.03 9.66
N ASP A 52 8.43 0.46 8.48
CA ASP A 52 9.84 0.34 8.16
C ASP A 52 10.70 0.98 9.23
N ASN A 53 10.34 2.18 9.67
CA ASN A 53 11.11 2.91 10.64
C ASN A 53 11.13 2.15 11.99
N ALA A 54 9.96 1.61 12.37
CA ALA A 54 9.81 0.86 13.64
C ALA A 54 10.72 -0.38 13.59
N ILE A 55 10.69 -1.13 12.48
CA ILE A 55 11.63 -2.27 12.33
C ILE A 55 13.08 -1.86 12.39
N ALA A 56 13.43 -0.75 11.72
CA ALA A 56 14.79 -0.32 11.71
C ALA A 56 15.29 0.10 13.07
N ASN A 57 14.44 0.75 13.84
CA ASN A 57 14.82 1.15 15.15
C ASN A 57 14.99 -0.06 16.04
N ALA A 58 14.12 -1.05 15.89
CA ALA A 58 14.19 -2.26 16.74
C ALA A 58 15.54 -2.96 16.51
N VAL A 59 15.95 -3.02 15.24
CA VAL A 59 17.16 -3.74 14.85
C VAL A 59 18.39 -2.91 15.09
N LYS A 60 18.41 -1.69 14.55
CA LYS A 60 19.63 -0.89 14.62
C LYS A 60 19.93 -0.39 15.98
N HIS A 61 18.92 0.01 16.72
CA HIS A 61 19.14 0.58 18.04
C HIS A 61 18.75 -0.32 19.20
N GLY A 62 17.81 -1.24 19.01
CA GLY A 62 17.40 -2.13 20.11
C GLY A 62 18.15 -3.46 20.08
N GLY A 63 18.83 -3.72 18.98
CA GLY A 63 19.56 -4.95 18.79
C GLY A 63 18.65 -6.14 18.64
N ALA A 64 17.39 -5.90 18.26
CA ALA A 64 16.42 -7.00 18.04
C ALA A 64 16.91 -8.03 17.03
N THR A 65 16.67 -9.32 17.35
CA THR A 65 16.86 -10.43 16.40
C THR A 65 15.53 -11.07 16.08
N LEU A 66 14.46 -10.68 16.81
CA LEU A 66 13.11 -11.17 16.57
C LEU A 66 12.15 -9.96 16.62
N VAL A 67 11.34 -9.87 15.57
CA VAL A 67 10.28 -8.87 15.42
C VAL A 67 9.00 -9.54 14.93
N GLN A 68 7.86 -9.18 15.50
CA GLN A 68 6.58 -9.68 15.05
C GLN A 68 5.70 -8.50 14.82
N LEU A 69 5.09 -8.48 13.64
CA LEU A 69 4.10 -7.46 13.27
C LEU A 69 2.72 -8.08 13.48
N SER A 70 1.77 -7.26 13.90
CA SER A 70 0.38 -7.72 14.01
C SER A 70 -0.61 -6.62 13.77
N ALA A 71 -1.85 -7.03 13.43
CA ALA A 71 -2.97 -6.10 13.32
C ALA A 71 -4.18 -6.77 13.91
N VAL A 72 -4.85 -6.01 14.80
CA VAL A 72 -6.05 -6.44 15.50
C VAL A 72 -7.14 -5.43 15.12
N SER A 73 -8.25 -5.91 14.57
CA SER A 73 -9.38 -5.09 14.11
C SER A 73 -10.51 -4.98 15.12
N SER A 74 -11.14 -3.82 15.13
CA SER A 74 -12.31 -3.56 15.98
C SER A 74 -13.23 -2.57 15.27
N ARG A 75 -14.37 -2.28 15.89
CA ARG A 75 -15.29 -1.33 15.28
C ARG A 75 -14.58 0.00 15.18
N ALA A 76 -13.66 0.29 16.11
CA ALA A 76 -12.93 1.57 16.22
C ALA A 76 -11.84 1.76 15.17
N GLY A 77 -11.35 0.65 14.63
CA GLY A 77 -10.35 0.69 13.54
C GLY A 77 -9.34 -0.40 13.76
N VAL A 78 -8.06 -0.07 13.71
CA VAL A 78 -7.06 -1.11 13.85
C VAL A 78 -5.93 -0.71 14.82
N GLU A 79 -5.37 -1.73 15.49
CA GLU A 79 -4.25 -1.52 16.39
C GLU A 79 -3.17 -2.35 15.70
N ILE A 80 -2.16 -1.66 15.20
CA ILE A 80 -1.00 -2.26 14.57
C ILE A 80 0.10 -2.31 15.64
N ALA A 81 0.79 -3.43 15.77
CA ALA A 81 1.89 -3.48 16.77
C ALA A 81 3.14 -4.02 16.18
N ILE A 82 4.27 -3.42 16.54
CA ILE A 82 5.58 -3.95 16.11
C ILE A 82 6.26 -4.33 17.40
N ASP A 83 6.27 -5.63 17.68
CA ASP A 83 6.90 -6.17 18.93
C ASP A 83 8.33 -6.66 18.68
N ASP A 84 9.29 -6.39 19.56
CA ASP A 84 10.66 -6.88 19.32
C ASP A 84 11.26 -7.47 20.63
N ASN A 85 12.36 -8.19 20.44
CA ASN A 85 13.02 -8.89 21.55
C ASN A 85 14.32 -8.16 21.89
N GLY A 86 14.40 -6.88 21.52
CA GLY A 86 15.58 -6.06 21.81
C GLY A 86 15.59 -5.53 23.25
N SER A 87 16.44 -4.53 23.46
CA SER A 87 16.68 -3.79 24.71
C SER A 87 15.44 -3.11 25.29
N GLY A 88 14.53 -2.71 24.42
CA GLY A 88 13.37 -2.04 24.93
C GLY A 88 13.64 -0.55 25.12
N VAL A 89 12.58 0.14 25.55
CA VAL A 89 12.66 1.57 25.82
C VAL A 89 12.16 1.67 27.26
N PRO A 90 13.02 2.17 28.16
CA PRO A 90 12.50 2.29 29.56
C PRO A 90 11.20 3.15 29.66
N GLU A 91 10.29 2.79 30.55
CA GLU A 91 9.02 3.53 30.71
C GLU A 91 9.15 5.06 30.74
N GLY A 92 10.19 5.57 31.41
CA GLY A 92 10.42 7.01 31.51
C GLY A 92 10.97 7.68 30.27
N GLU A 93 11.24 6.91 29.21
CA GLU A 93 11.94 7.43 28.03
C GLU A 93 11.09 7.50 26.72
N ARG A 94 9.87 7.06 26.83
CA ARG A 94 9.04 6.89 25.63
C ARG A 94 8.77 8.20 24.88
N GLN A 95 8.39 9.23 25.62
CA GLN A 95 8.13 10.54 24.99
C GLN A 95 9.36 11.10 24.26
N VAL A 96 10.53 11.08 24.88
CA VAL A 96 11.71 11.60 24.21
C VAL A 96 12.00 10.82 22.95
N VAL A 97 11.73 9.53 22.99
CA VAL A 97 11.96 8.73 21.81
C VAL A 97 11.00 9.17 20.67
N PHE A 98 9.74 9.41 21.00
CA PHE A 98 8.79 9.88 19.98
C PHE A 98 9.06 11.28 19.43
N GLU A 99 9.75 12.11 20.22
CA GLU A 99 10.05 13.47 19.81
C GLU A 99 11.30 13.53 18.92
N ARG A 100 11.97 12.40 18.70
CA ARG A 100 13.21 12.32 17.93
C ARG A 100 13.06 11.55 16.64
N PHE A 101 13.74 12.01 15.58
CA PHE A 101 13.90 11.26 14.32
C PHE A 101 15.11 10.35 14.43
N SER A 102 15.03 9.17 13.82
CA SER A 102 16.12 8.16 13.99
C SER A 102 17.41 8.48 13.26
N LEU A 114 17.88 6.15 19.03
CA LEU A 114 16.54 5.59 18.87
C LEU A 114 15.52 6.73 18.72
N GLY A 115 14.80 6.74 17.61
CA GLY A 115 13.93 7.86 17.28
C GLY A 115 12.80 7.37 16.48
N LEU A 116 11.59 7.65 16.96
CA LEU A 116 10.36 7.21 16.33
C LEU A 116 9.40 8.36 15.90
N ALA A 117 9.92 9.57 15.70
CA ALA A 117 9.08 10.71 15.32
C ALA A 117 8.37 10.53 13.99
N LEU A 118 8.97 9.77 13.07
CA LEU A 118 8.30 9.48 11.76
C LEU A 118 7.04 8.71 12.00
N VAL A 119 7.13 7.74 12.88
CA VAL A 119 5.99 6.95 13.26
C VAL A 119 4.90 7.83 13.85
N ALA A 120 5.24 8.67 14.86
CA ALA A 120 4.24 9.55 15.42
C ALA A 120 3.59 10.48 14.39
N GLN A 121 4.41 11.01 13.49
CA GLN A 121 3.93 11.90 12.45
C GLN A 121 2.86 11.19 11.58
N GLN A 122 3.19 10.00 11.13
CA GLN A 122 2.21 9.21 10.34
C GLN A 122 0.93 8.86 11.11
N ALA A 123 1.05 8.49 12.39
CA ALA A 123 -0.09 8.21 13.20
C ALA A 123 -1.02 9.43 13.28
N GLN A 124 -0.43 10.60 13.49
CA GLN A 124 -1.19 11.83 13.60
C GLN A 124 -1.89 12.19 12.28
N LEU A 125 -1.20 12.00 11.16
CA LEU A 125 -1.78 12.24 9.81
C LEU A 125 -2.99 11.37 9.58
N HIS A 126 -3.05 10.22 10.26
CA HIS A 126 -4.21 9.30 10.14
C HIS A 126 -5.22 9.51 11.28
N GLY A 127 -5.04 10.56 12.09
CA GLY A 127 -5.95 10.76 13.21
C GLY A 127 -5.88 9.71 14.31
N GLY A 128 -4.73 9.08 14.46
CA GLY A 128 -4.58 8.07 15.48
C GLY A 128 -3.38 8.43 16.35
N THR A 129 -2.89 7.42 17.08
CA THR A 129 -1.80 7.66 18.03
C THR A 129 -0.73 6.59 17.88
N ALA A 130 0.52 6.94 18.25
CA ALA A 130 1.58 5.95 18.38
C ALA A 130 2.05 5.95 19.84
N SER A 131 2.28 4.77 20.40
CA SER A 131 2.81 4.71 21.76
C SER A 131 3.67 3.51 21.93
N LEU A 132 4.42 3.53 23.03
CA LEU A 132 5.30 2.40 23.38
C LEU A 132 4.82 1.69 24.65
N GLU A 133 4.98 0.37 24.58
CA GLU A 133 4.59 -0.56 25.67
C GLU A 133 5.71 -1.55 25.79
N ASN A 134 5.62 -2.44 26.79
CA ASN A 134 6.64 -3.47 26.95
C ASN A 134 6.18 -4.71 26.18
N SER A 135 7.07 -5.34 25.43
CA SER A 135 6.61 -6.40 24.58
C SER A 135 6.67 -7.75 25.37
N PRO A 136 5.74 -8.68 25.10
CA PRO A 136 5.88 -10.08 25.52
C PRO A 136 7.14 -10.73 24.97
N LEU A 137 7.71 -10.17 23.91
CA LEU A 137 9.02 -10.67 23.38
C LEU A 137 10.23 -10.19 24.15
N GLY A 138 10.06 -9.17 25.00
CA GLY A 138 11.20 -8.71 25.79
C GLY A 138 11.66 -7.25 25.57
N GLY A 139 11.43 -6.74 24.36
CA GLY A 139 11.91 -5.46 23.96
C GLY A 139 10.79 -4.44 23.93
N ALA A 140 10.73 -3.66 22.84
CA ALA A 140 9.70 -2.65 22.71
C ALA A 140 8.48 -3.22 21.99
N ARG A 141 7.31 -2.67 22.29
CA ARG A 141 6.12 -2.91 21.53
C ARG A 141 5.66 -1.49 21.11
N LEU A 142 5.72 -1.20 19.81
CA LEU A 142 5.22 0.07 19.31
C LEU A 142 3.84 -0.16 18.75
N VAL A 143 2.87 0.62 19.23
CA VAL A 143 1.52 0.39 18.90
C VAL A 143 0.96 1.60 18.20
N LEU A 144 0.40 1.39 17.03
CA LEU A 144 -0.23 2.53 16.29
C LEU A 144 -1.67 2.25 16.31
N ARG A 145 -2.46 3.18 16.82
CA ARG A 145 -3.89 2.98 16.88
C ARG A 145 -4.58 3.94 15.92
N LEU A 146 -5.20 3.37 14.89
CA LEU A 146 -5.72 4.12 13.77
C LEU A 146 -7.21 3.91 13.56
N PRO A 147 -7.95 5.03 13.34
CA PRO A 147 -9.38 4.94 13.19
C PRO A 147 -9.78 4.30 11.88
N GLY A 148 -10.83 3.50 11.96
CA GLY A 148 -11.34 2.79 10.81
C GLY A 148 -12.16 3.72 9.93
N PRO A 149 -12.55 3.25 8.73
CA PRO A 149 -13.24 4.01 7.69
C PRO A 149 -14.77 4.01 7.71
N SER A 150 -15.34 3.16 8.57
CA SER A 150 -16.80 2.97 8.72
C SER A 150 -17.39 3.56 10.01
N SER B 2 -5.51 1.17 -12.81
CA SER B 2 -5.97 0.16 -13.82
C SER B 2 -4.87 -0.85 -14.11
N ASP B 3 -3.63 -0.34 -14.21
CA ASP B 3 -2.45 -1.20 -14.25
C ASP B 3 -2.28 -1.74 -12.85
N ASP B 4 -3.03 -1.16 -11.92
CA ASP B 4 -3.03 -1.49 -10.50
C ASP B 4 -4.01 -2.61 -10.17
N HIS B 5 -4.89 -2.91 -11.13
CA HIS B 5 -5.91 -3.93 -10.96
C HIS B 5 -5.27 -5.32 -11.06
N VAL B 6 -5.66 -6.23 -10.16
CA VAL B 6 -5.11 -7.56 -10.18
C VAL B 6 -6.28 -8.60 -10.14
N PRO B 7 -5.97 -9.87 -10.37
CA PRO B 7 -7.01 -10.87 -10.17
C PRO B 7 -7.52 -10.87 -8.73
N VAL B 8 -8.86 -10.92 -8.62
CA VAL B 8 -9.50 -10.94 -7.33
C VAL B 8 -10.52 -12.07 -7.30
N ASP B 9 -10.29 -13.05 -6.45
CA ASP B 9 -11.34 -14.07 -6.18
C ASP B 9 -12.43 -13.48 -5.25
N ILE B 10 -13.52 -13.07 -5.88
CA ILE B 10 -14.57 -12.32 -5.17
C ILE B 10 -15.19 -13.20 -4.09
N THR B 11 -15.36 -14.47 -4.42
CA THR B 11 -16.02 -15.38 -3.52
C THR B 11 -15.19 -15.57 -2.28
N ASP B 12 -13.87 -15.63 -2.48
CA ASP B 12 -12.94 -15.84 -1.40
C ASP B 12 -12.91 -14.60 -0.57
N LEU B 13 -12.99 -13.45 -1.23
CA LEU B 13 -12.98 -12.16 -0.55
C LEU B 13 -14.15 -12.07 0.40
N LEU B 14 -15.32 -12.43 -0.12
CA LEU B 14 -16.59 -12.42 0.69
C LEU B 14 -16.55 -13.39 1.83
N ASP B 15 -15.99 -14.57 1.57
CA ASP B 15 -15.80 -15.56 2.65
C ASP B 15 -14.94 -15.01 3.78
N ARG B 16 -13.78 -14.44 3.44
CA ARG B 16 -12.91 -13.91 4.47
C ARG B 16 -13.55 -12.70 5.13
N ALA B 17 -14.31 -11.93 4.36
CA ALA B 17 -14.99 -10.76 4.87
C ALA B 17 -16.00 -11.13 5.96
N ALA B 18 -16.74 -12.21 5.72
CA ALA B 18 -17.78 -12.68 6.66
C ALA B 18 -17.08 -13.22 7.91
N HIS B 19 -16.04 -14.02 7.71
CA HIS B 19 -15.22 -14.47 8.83
C HIS B 19 -14.65 -13.35 9.73
N ASP B 20 -13.93 -12.36 9.16
CA ASP B 20 -13.44 -11.21 9.96
C ASP B 20 -14.57 -10.40 10.60
N ALA B 21 -15.69 -10.25 9.88
CA ALA B 21 -16.81 -9.54 10.48
C ALA B 21 -17.38 -10.30 11.70
N ALA B 22 -17.48 -11.62 11.60
CA ALA B 22 -17.91 -12.43 12.76
C ALA B 22 -17.14 -12.10 14.05
N ARG B 23 -15.82 -11.92 13.94
CA ARG B 23 -14.97 -11.58 15.10
C ARG B 23 -15.14 -10.16 15.64
N ILE B 24 -15.48 -9.23 14.74
CA ILE B 24 -15.68 -7.86 15.13
C ILE B 24 -17.04 -7.61 15.76
N TYR B 25 -18.07 -8.32 15.28
CA TYR B 25 -19.43 -8.04 15.70
C TYR B 25 -19.96 -9.27 16.39
N PRO B 26 -20.00 -9.23 17.73
CA PRO B 26 -20.34 -10.47 18.46
C PRO B 26 -21.82 -10.89 18.31
N ASP B 27 -22.71 -9.91 18.10
CA ASP B 27 -24.13 -10.16 17.85
C ASP B 27 -24.37 -11.02 16.60
N LEU B 28 -23.42 -10.99 15.68
CA LEU B 28 -23.78 -11.04 14.29
C LEU B 28 -23.69 -12.42 13.70
N ASP B 29 -24.73 -12.82 12.99
CA ASP B 29 -24.68 -14.01 12.16
C ASP B 29 -24.36 -13.53 10.74
N VAL B 30 -23.12 -13.71 10.31
CA VAL B 30 -22.74 -13.26 8.98
C VAL B 30 -22.08 -14.39 8.22
N SER B 31 -22.53 -14.60 7.00
CA SER B 31 -22.05 -15.72 6.23
C SER B 31 -22.12 -15.42 4.74
N LEU B 32 -21.26 -16.15 4.02
CA LEU B 32 -21.36 -16.27 2.57
C LEU B 32 -22.26 -17.43 2.17
N VAL B 33 -23.27 -17.09 1.37
CA VAL B 33 -24.17 -18.04 0.74
C VAL B 33 -23.39 -18.78 -0.36
N PRO B 34 -23.56 -20.12 -0.47
CA PRO B 34 -22.83 -20.81 -1.55
C PRO B 34 -22.98 -20.11 -2.90
N SER B 35 -21.83 -19.87 -3.53
CA SER B 35 -21.72 -19.09 -4.77
C SER B 35 -20.62 -19.77 -5.59
N PRO B 36 -20.77 -19.80 -6.90
CA PRO B 36 -19.66 -20.22 -7.75
C PRO B 36 -18.45 -19.27 -7.61
N THR B 37 -17.26 -19.76 -7.92
CA THR B 37 -16.03 -18.97 -7.84
C THR B 37 -16.04 -17.97 -8.98
N CYS B 38 -15.96 -16.66 -8.66
CA CYS B 38 -15.94 -15.61 -9.64
C CYS B 38 -14.61 -14.86 -9.46
N ILE B 39 -13.82 -14.82 -10.51
CA ILE B 39 -12.63 -13.96 -10.54
C ILE B 39 -12.85 -12.74 -11.42
N ILE B 40 -12.66 -11.57 -10.85
CA ILE B 40 -12.63 -10.38 -11.66
C ILE B 40 -11.23 -9.74 -11.55
N VAL B 41 -11.04 -8.64 -12.27
CA VAL B 41 -9.82 -7.82 -12.13
C VAL B 41 -10.25 -6.56 -11.40
N GLY B 42 -9.54 -6.25 -10.32
CA GLY B 42 -9.83 -5.01 -9.61
C GLY B 42 -8.88 -4.78 -8.49
N LEU B 43 -9.38 -4.05 -7.52
CA LEU B 43 -8.58 -3.50 -6.44
C LEU B 43 -9.06 -4.18 -5.17
N PRO B 44 -8.38 -5.28 -4.73
CA PRO B 44 -8.83 -6.07 -3.61
C PRO B 44 -9.06 -5.28 -2.35
N ALA B 45 -8.22 -4.25 -2.05
CA ALA B 45 -8.45 -3.47 -0.81
C ALA B 45 -9.76 -2.71 -0.87
N GLY B 46 -9.98 -2.08 -2.03
CA GLY B 46 -11.16 -1.28 -2.28
C GLY B 46 -12.42 -2.10 -2.25
N LEU B 47 -12.38 -3.26 -2.88
CA LEU B 47 -13.56 -4.11 -2.89
C LEU B 47 -13.84 -4.62 -1.50
N ARG B 48 -12.80 -5.07 -0.77
CA ARG B 48 -13.00 -5.49 0.61
C ARG B 48 -13.52 -4.33 1.47
N LEU B 49 -13.00 -3.15 1.24
CA LEU B 49 -13.48 -2.00 1.98
C LEU B 49 -14.98 -1.82 1.79
N ALA B 50 -15.41 -1.92 0.53
CA ALA B 50 -16.82 -1.72 0.19
C ALA B 50 -17.71 -2.70 0.96
N VAL B 51 -17.33 -3.99 0.93
CA VAL B 51 -18.04 -5.00 1.71
C VAL B 51 -17.99 -4.72 3.20
N ASP B 52 -16.79 -4.38 3.70
CA ASP B 52 -16.67 -4.07 5.13
C ASP B 52 -17.60 -2.93 5.46
N ASN B 53 -17.61 -1.93 4.60
CA ASN B 53 -18.38 -0.75 4.92
C ASN B 53 -19.88 -1.07 4.87
N ALA B 54 -20.26 -1.95 3.95
CA ALA B 54 -21.66 -2.34 3.85
C ALA B 54 -22.09 -3.07 5.12
N ILE B 55 -21.25 -4.00 5.60
CA ILE B 55 -21.59 -4.81 6.75
C ILE B 55 -21.64 -3.86 7.94
N ALA B 56 -20.68 -2.93 8.00
CA ALA B 56 -20.62 -2.02 9.14
C ALA B 56 -21.89 -1.16 9.22
N ASN B 57 -22.36 -0.64 8.10
CA ASN B 57 -23.63 0.09 8.12
C ASN B 57 -24.82 -0.76 8.54
N ALA B 58 -24.87 -1.99 8.05
CA ALA B 58 -26.00 -2.88 8.37
C ALA B 58 -26.11 -3.04 9.88
N VAL B 59 -24.96 -3.20 10.55
CA VAL B 59 -24.89 -3.43 11.98
C VAL B 59 -25.01 -2.15 12.79
N LYS B 60 -24.12 -1.19 12.55
CA LYS B 60 -24.09 0.02 13.40
C LYS B 60 -25.35 0.88 13.21
N HIS B 61 -25.89 0.87 12.00
CA HIS B 61 -26.98 1.78 11.69
C HIS B 61 -28.32 1.07 11.43
N GLY B 62 -28.28 -0.15 10.92
CA GLY B 62 -29.54 -0.86 10.66
C GLY B 62 -29.88 -1.79 11.81
N GLY B 63 -28.92 -1.98 12.72
CA GLY B 63 -29.07 -2.93 13.82
C GLY B 63 -29.25 -4.37 13.39
N ALA B 64 -28.69 -4.75 12.25
CA ALA B 64 -28.73 -6.12 11.75
C ALA B 64 -28.10 -7.05 12.75
N THR B 65 -28.70 -8.25 12.86
CA THR B 65 -28.15 -9.36 13.61
C THR B 65 -27.87 -10.52 12.67
N LEU B 66 -28.31 -10.36 11.42
CA LEU B 66 -28.13 -11.36 10.37
C LEU B 66 -27.72 -10.64 9.09
N VAL B 67 -26.57 -11.05 8.53
CA VAL B 67 -26.14 -10.56 7.22
C VAL B 67 -25.79 -11.74 6.30
N GLN B 68 -26.19 -11.67 5.04
CA GLN B 68 -25.82 -12.70 4.06
C GLN B 68 -25.06 -12.06 2.90
N LEU B 69 -23.86 -12.57 2.60
CA LEU B 69 -23.15 -12.14 1.39
C LEU B 69 -23.37 -13.13 0.27
N SER B 70 -23.45 -12.64 -0.94
CA SER B 70 -23.58 -13.53 -2.11
C SER B 70 -22.90 -12.93 -3.34
N ALA B 71 -22.55 -13.81 -4.26
CA ALA B 71 -21.99 -13.41 -5.53
C ALA B 71 -22.62 -14.30 -6.59
N VAL B 72 -23.10 -13.64 -7.63
CA VAL B 72 -23.75 -14.30 -8.73
C VAL B 72 -22.92 -13.87 -9.96
N SER B 73 -22.38 -14.85 -10.68
CA SER B 73 -21.69 -14.59 -11.93
C SER B 73 -22.60 -14.58 -13.14
N SER B 74 -22.17 -13.88 -14.16
CA SER B 74 -22.92 -13.80 -15.41
C SER B 74 -21.97 -13.36 -16.49
N ARG B 75 -22.41 -13.34 -17.75
CA ARG B 75 -21.56 -12.85 -18.81
C ARG B 75 -21.13 -11.40 -18.59
N ALA B 76 -21.98 -10.60 -17.95
CA ALA B 76 -21.67 -9.17 -17.68
C ALA B 76 -20.60 -8.93 -16.62
N GLY B 77 -20.50 -9.86 -15.68
CA GLY B 77 -19.52 -9.71 -14.57
C GLY B 77 -20.07 -10.36 -13.36
N VAL B 78 -20.00 -9.63 -12.26
CA VAL B 78 -20.42 -10.19 -10.98
C VAL B 78 -21.41 -9.28 -10.28
N GLU B 79 -22.38 -9.89 -9.61
CA GLU B 79 -23.29 -9.14 -8.79
C GLU B 79 -23.07 -9.54 -7.35
N ILE B 80 -22.47 -8.65 -6.58
CA ILE B 80 -22.25 -8.89 -5.18
C ILE B 80 -23.38 -8.23 -4.36
N ALA B 81 -24.01 -9.02 -3.49
CA ALA B 81 -25.10 -8.53 -2.66
C ALA B 81 -24.77 -8.70 -1.18
N ILE B 82 -25.07 -7.68 -0.39
CA ILE B 82 -25.01 -7.80 1.05
C ILE B 82 -26.46 -7.58 1.50
N ASP B 83 -27.07 -8.66 1.99
CA ASP B 83 -28.46 -8.64 2.49
C ASP B 83 -28.42 -8.64 4.03
N ASP B 84 -29.30 -7.85 4.65
CA ASP B 84 -29.37 -7.82 6.11
C ASP B 84 -30.83 -7.76 6.60
N ASN B 85 -30.99 -8.14 7.87
CA ASN B 85 -32.29 -8.18 8.54
C ASN B 85 -32.48 -6.93 9.42
N GLY B 86 -31.81 -5.85 9.04
CA GLY B 86 -31.89 -4.63 9.83
C GLY B 86 -33.14 -3.82 9.52
N SER B 87 -33.10 -2.53 9.87
CA SER B 87 -34.20 -1.60 9.64
C SER B 87 -34.32 -1.14 8.17
N GLY B 88 -33.29 -1.41 7.37
CA GLY B 88 -33.39 -1.17 5.92
C GLY B 88 -33.02 0.26 5.59
N VAL B 89 -33.24 0.62 4.33
CA VAL B 89 -33.11 1.99 3.93
C VAL B 89 -34.34 2.33 3.09
N PRO B 90 -35.05 3.42 3.46
CA PRO B 90 -36.26 3.76 2.68
C PRO B 90 -35.92 4.12 1.23
N GLU B 91 -36.76 3.72 0.26
CA GLU B 91 -36.48 4.14 -1.12
C GLU B 91 -36.08 5.62 -1.25
N GLY B 92 -36.74 6.50 -0.50
CA GLY B 92 -36.46 7.94 -0.58
C GLY B 92 -35.07 8.35 -0.12
N GLU B 93 -34.43 7.46 0.63
CA GLU B 93 -33.19 7.80 1.32
C GLU B 93 -31.95 7.17 0.70
N ARG B 94 -32.15 6.37 -0.35
CA ARG B 94 -31.06 5.64 -0.95
C ARG B 94 -29.99 6.60 -1.52
N GLN B 95 -30.43 7.78 -1.99
CA GLN B 95 -29.44 8.73 -2.66
C GLN B 95 -28.45 9.42 -1.69
N VAL B 96 -28.97 10.07 -0.66
CA VAL B 96 -28.16 10.79 0.34
C VAL B 96 -27.27 9.65 0.67
N VAL B 97 -27.78 8.45 0.97
CA VAL B 97 -26.96 7.44 1.64
C VAL B 97 -25.68 7.13 0.85
N PHE B 98 -25.77 7.03 -0.47
CA PHE B 98 -24.58 6.81 -1.31
C PHE B 98 -23.70 8.03 -1.45
N GLU B 99 -24.19 9.21 -1.06
CA GLU B 99 -23.35 10.43 -0.99
C GLU B 99 -22.74 10.66 0.39
N ARG B 100 -23.25 9.96 1.40
CA ARG B 100 -22.77 10.15 2.75
C ARG B 100 -21.69 9.14 3.12
N PHE B 101 -20.64 9.64 3.76
CA PHE B 101 -19.66 8.76 4.39
C PHE B 101 -20.11 8.45 5.80
N SER B 102 -20.15 7.17 6.14
CA SER B 102 -20.43 6.72 7.49
C SER B 102 -19.38 7.24 8.50
N LEU B 114 -26.20 6.40 8.57
CA LEU B 114 -26.13 5.50 7.38
C LEU B 114 -25.42 6.18 6.20
N GLY B 115 -24.26 5.67 5.79
CA GLY B 115 -23.53 6.34 4.73
C GLY B 115 -22.73 5.31 3.95
N LEU B 116 -23.01 5.20 2.65
CA LEU B 116 -22.40 4.14 1.84
C LEU B 116 -21.55 4.76 0.72
N ALA B 117 -21.04 5.98 0.93
CA ALA B 117 -20.30 6.64 -0.13
C ALA B 117 -19.02 5.87 -0.58
N LEU B 118 -18.37 5.18 0.37
CA LEU B 118 -17.18 4.37 0.05
C LEU B 118 -17.53 3.27 -0.94
N VAL B 119 -18.72 2.67 -0.77
CA VAL B 119 -19.21 1.62 -1.68
C VAL B 119 -19.42 2.18 -3.12
N ALA B 120 -20.13 3.29 -3.22
CA ALA B 120 -20.34 3.90 -4.52
C ALA B 120 -19.04 4.30 -5.19
N GLN B 121 -18.11 4.87 -4.44
CA GLN B 121 -16.79 5.21 -4.94
C GLN B 121 -16.06 3.96 -5.46
N GLN B 122 -16.08 2.88 -4.69
CA GLN B 122 -15.33 1.69 -5.20
C GLN B 122 -16.04 1.05 -6.40
N ALA B 123 -17.37 1.01 -6.37
CA ALA B 123 -18.12 0.58 -7.54
C ALA B 123 -17.74 1.35 -8.78
N GLN B 124 -17.64 2.69 -8.66
CA GLN B 124 -17.30 3.51 -9.81
C GLN B 124 -15.89 3.29 -10.29
N LEU B 125 -14.96 3.10 -9.35
CA LEU B 125 -13.55 2.81 -9.73
C LEU B 125 -13.42 1.54 -10.54
N HIS B 126 -14.40 0.66 -10.41
CA HIS B 126 -14.40 -0.61 -11.15
C HIS B 126 -15.29 -0.59 -12.39
N GLY B 127 -15.73 0.59 -12.80
CA GLY B 127 -16.64 0.67 -13.96
C GLY B 127 -18.04 0.17 -13.70
N GLY B 128 -18.44 0.07 -12.42
CA GLY B 128 -19.70 -0.61 -12.07
C GLY B 128 -20.61 0.31 -11.26
N THR B 129 -21.61 -0.28 -10.59
CA THR B 129 -22.63 0.50 -9.89
C THR B 129 -22.94 -0.11 -8.55
N ALA B 130 -23.43 0.70 -7.61
CA ALA B 130 -23.92 0.21 -6.33
C ALA B 130 -25.38 0.70 -6.18
N SER B 131 -26.24 -0.19 -5.79
CA SER B 131 -27.63 0.17 -5.69
C SER B 131 -28.23 -0.46 -4.44
N LEU B 132 -29.28 0.17 -3.91
CA LEU B 132 -30.03 -0.40 -2.79
C LEU B 132 -31.39 -0.96 -3.20
N GLU B 133 -31.68 -2.12 -2.66
CA GLU B 133 -32.93 -2.85 -2.88
C GLU B 133 -33.43 -3.27 -1.49
N ASN B 134 -34.60 -3.90 -1.47
CA ASN B 134 -35.09 -4.42 -0.19
C ASN B 134 -34.74 -5.86 -0.12
N SER B 135 -34.39 -6.33 1.08
CA SER B 135 -33.93 -7.69 1.26
C SER B 135 -35.11 -8.55 1.72
N PRO B 136 -35.21 -9.77 1.18
CA PRO B 136 -36.08 -10.80 1.77
C PRO B 136 -35.86 -10.99 3.27
N LEU B 137 -34.65 -10.69 3.73
CA LEU B 137 -34.32 -10.79 5.16
C LEU B 137 -34.98 -9.72 6.02
N GLY B 138 -35.51 -8.68 5.41
CA GLY B 138 -36.20 -7.66 6.17
C GLY B 138 -35.55 -6.31 6.14
N GLY B 139 -34.21 -6.26 6.04
CA GLY B 139 -33.50 -4.98 5.91
C GLY B 139 -33.10 -4.55 4.50
N ALA B 140 -31.87 -4.02 4.37
CA ALA B 140 -31.42 -3.50 3.08
C ALA B 140 -30.75 -4.63 2.30
N ARG B 141 -30.72 -4.51 0.98
CA ARG B 141 -29.96 -5.46 0.15
C ARG B 141 -29.14 -4.53 -0.72
N LEU B 142 -27.86 -4.43 -0.40
CA LEU B 142 -26.95 -3.59 -1.14
C LEU B 142 -26.32 -4.37 -2.28
N VAL B 143 -26.37 -3.88 -3.52
CA VAL B 143 -25.95 -4.68 -4.66
C VAL B 143 -24.83 -3.96 -5.42
N LEU B 144 -23.68 -4.63 -5.59
CA LEU B 144 -22.58 -4.05 -6.33
C LEU B 144 -22.49 -4.82 -7.64
N ARG B 145 -22.62 -4.16 -8.77
CA ARG B 145 -22.58 -4.87 -10.01
C ARG B 145 -21.33 -4.44 -10.71
N LEU B 146 -20.38 -5.35 -10.84
CA LEU B 146 -19.04 -5.03 -11.37
C LEU B 146 -18.78 -5.72 -12.72
N PRO B 147 -18.33 -4.97 -13.73
CA PRO B 147 -18.07 -5.59 -15.00
C PRO B 147 -16.94 -6.63 -14.89
N GLY B 148 -17.10 -7.69 -15.67
CA GLY B 148 -16.10 -8.75 -15.72
C GLY B 148 -14.93 -8.30 -16.56
N PRO B 149 -13.85 -9.08 -16.53
CA PRO B 149 -12.60 -8.81 -17.22
C PRO B 149 -12.59 -9.08 -18.70
N ASP C 3 7.27 20.32 4.69
CA ASP C 3 8.44 20.20 3.78
C ASP C 3 8.02 19.58 2.46
N ASP C 4 8.78 19.87 1.41
CA ASP C 4 8.48 19.33 0.11
C ASP C 4 8.66 17.82 0.10
N HIS C 5 9.54 17.31 0.97
CA HIS C 5 9.91 15.90 0.90
C HIS C 5 8.86 15.10 1.65
N VAL C 6 8.29 14.12 0.95
CA VAL C 6 7.18 13.31 1.47
C VAL C 6 7.50 11.87 1.21
N PRO C 7 6.78 10.94 1.89
CA PRO C 7 7.00 9.53 1.63
C PRO C 7 6.73 9.23 0.16
N VAL C 8 7.66 8.50 -0.47
CA VAL C 8 7.57 8.10 -1.87
C VAL C 8 7.80 6.61 -2.00
N ASP C 9 6.80 5.93 -2.49
CA ASP C 9 7.02 4.53 -2.88
C ASP C 9 7.77 4.45 -4.21
N ILE C 10 9.06 4.17 -4.13
CA ILE C 10 9.96 4.26 -5.32
C ILE C 10 9.63 3.15 -6.28
N THR C 11 9.31 2.00 -5.73
CA THR C 11 8.97 0.85 -6.51
C THR C 11 7.74 1.10 -7.39
N ASP C 12 6.71 1.68 -6.81
CA ASP C 12 5.45 1.94 -7.49
C ASP C 12 5.75 2.99 -8.55
N LEU C 13 6.65 3.91 -8.19
CA LEU C 13 7.05 5.00 -9.10
C LEU C 13 7.67 4.44 -10.37
N LEU C 14 8.60 3.50 -10.20
CA LEU C 14 9.23 2.84 -11.32
C LEU C 14 8.20 2.08 -12.14
N ASP C 15 7.23 1.44 -11.47
CA ASP C 15 6.24 0.72 -12.22
C ASP C 15 5.42 1.60 -13.14
N ARG C 16 4.94 2.72 -12.59
CA ARG C 16 4.16 3.73 -13.34
C ARG C 16 5.04 4.25 -14.45
N ALA C 17 6.29 4.55 -14.14
CA ALA C 17 7.18 5.05 -15.20
C ALA C 17 7.34 4.12 -16.41
N ALA C 18 7.49 2.84 -16.12
CA ALA C 18 7.61 1.81 -17.16
C ALA C 18 6.30 1.73 -17.98
N HIS C 19 5.17 1.65 -17.31
CA HIS C 19 3.86 1.56 -18.01
C HIS C 19 3.61 2.73 -18.94
N ASP C 20 3.89 3.94 -18.46
CA ASP C 20 3.73 5.12 -19.30
C ASP C 20 4.75 5.16 -20.43
N ALA C 21 5.98 4.74 -20.17
CA ALA C 21 6.98 4.76 -21.23
C ALA C 21 6.59 3.80 -22.35
N ALA C 22 5.95 2.69 -21.94
CA ALA C 22 5.62 1.60 -22.88
C ALA C 22 4.58 2.13 -23.89
N ARG C 23 3.76 3.09 -23.43
CA ARG C 23 2.75 3.78 -24.27
C ARG C 23 3.37 4.85 -25.17
N ILE C 24 4.40 5.52 -24.69
CA ILE C 24 4.93 6.67 -25.39
C ILE C 24 5.90 6.34 -26.51
N TYR C 25 6.69 5.27 -26.32
CA TYR C 25 7.79 4.94 -27.23
C TYR C 25 7.36 3.72 -28.05
N PRO C 26 7.34 3.86 -29.39
CA PRO C 26 7.00 2.71 -30.26
C PRO C 26 8.19 1.73 -30.22
N ASP C 27 7.94 0.44 -30.26
CA ASP C 27 9.08 -0.50 -30.32
C ASP C 27 9.96 -0.41 -29.07
N LEU C 28 9.32 -0.39 -27.89
CA LEU C 28 10.05 -0.39 -26.62
C LEU C 28 9.50 -1.39 -25.64
N ASP C 29 10.37 -2.24 -25.17
CA ASP C 29 10.07 -3.21 -24.15
C ASP C 29 10.62 -2.58 -22.86
N VAL C 30 9.73 -2.13 -21.98
CA VAL C 30 10.23 -1.40 -20.77
C VAL C 30 9.42 -1.91 -19.62
N SER C 31 10.13 -2.34 -18.59
CA SER C 31 9.45 -2.92 -17.44
C SER C 31 10.23 -2.68 -16.18
N LEU C 32 9.50 -2.80 -15.07
CA LEU C 32 10.10 -2.94 -13.74
C LEU C 32 10.42 -4.43 -13.49
N VAL C 33 11.67 -4.74 -13.19
CA VAL C 33 12.03 -6.10 -12.71
C VAL C 33 11.57 -6.30 -11.27
N PRO C 34 11.13 -7.52 -10.89
CA PRO C 34 10.84 -7.74 -9.45
C PRO C 34 11.76 -7.08 -8.41
N SER C 35 11.14 -6.33 -7.51
CA SER C 35 11.87 -5.47 -6.57
C SER C 35 11.01 -5.36 -5.31
N PRO C 36 11.66 -5.27 -4.13
CA PRO C 36 10.89 -4.99 -2.91
C PRO C 36 10.32 -3.62 -3.00
N THR C 37 9.27 -3.37 -2.19
CA THR C 37 8.80 -2.04 -1.96
C THR C 37 9.79 -1.23 -1.15
N CYS C 38 10.22 -0.12 -1.73
N CYS C 38 10.18 -0.07 -1.69
CA CYS C 38 11.10 0.77 -1.01
CA CYS C 38 11.16 0.80 -1.02
C CYS C 38 10.38 2.09 -0.87
C CYS C 38 10.60 2.21 -0.84
N ILE C 39 10.14 2.50 0.37
CA ILE C 39 9.64 3.80 0.67
C ILE C 39 10.85 4.61 1.07
N ILE C 40 11.06 5.72 0.41
CA ILE C 40 11.98 6.74 0.86
C ILE C 40 11.25 8.09 1.12
N VAL C 41 11.96 9.08 1.61
CA VAL C 41 11.35 10.37 1.70
C VAL C 41 12.01 11.21 0.63
N GLY C 42 11.18 11.90 -0.13
CA GLY C 42 11.69 12.56 -1.33
C GLY C 42 10.67 13.36 -2.08
N LEU C 43 11.06 13.69 -3.29
CA LEU C 43 10.32 14.63 -4.11
C LEU C 43 9.66 13.86 -5.29
N PRO C 44 8.40 13.47 -5.18
CA PRO C 44 7.89 12.55 -6.18
C PRO C 44 7.97 13.04 -7.68
N ALA C 45 7.65 14.30 -7.90
CA ALA C 45 7.67 14.86 -9.27
C ALA C 45 9.08 14.82 -9.78
N GLY C 46 10.04 15.31 -8.97
CA GLY C 46 11.44 15.22 -9.41
C GLY C 46 12.01 13.85 -9.59
N LEU C 47 11.67 12.90 -8.69
CA LEU C 47 12.15 11.56 -8.90
C LEU C 47 11.59 10.90 -10.17
N ARG C 48 10.32 11.17 -10.41
CA ARG C 48 9.67 10.58 -11.63
C ARG C 48 10.37 11.23 -12.88
N LEU C 49 10.59 12.53 -12.84
CA LEU C 49 11.27 13.23 -13.95
C LEU C 49 12.64 12.59 -14.22
N ALA C 50 13.43 12.34 -13.16
CA ALA C 50 14.70 11.70 -13.32
C ALA C 50 14.60 10.34 -14.07
N VAL C 51 13.68 9.48 -13.64
CA VAL C 51 13.49 8.15 -14.27
C VAL C 51 13.06 8.38 -15.71
N ASP C 52 12.10 9.28 -15.87
CA ASP C 52 11.60 9.62 -17.23
C ASP C 52 12.72 10.03 -18.13
N ASN C 53 13.61 10.88 -17.61
CA ASN C 53 14.77 11.40 -18.36
C ASN C 53 15.81 10.34 -18.69
N ALA C 54 16.04 9.42 -17.74
CA ALA C 54 16.93 8.32 -18.00
C ALA C 54 16.40 7.46 -19.12
N ILE C 55 15.10 7.27 -19.15
CA ILE C 55 14.51 6.35 -20.16
C ILE C 55 14.60 7.06 -21.50
N ALA C 56 14.28 8.36 -21.48
CA ALA C 56 14.27 9.17 -22.74
C ALA C 56 15.66 9.16 -23.36
N ASN C 57 16.69 9.33 -22.53
CA ASN C 57 18.06 9.30 -23.02
C ASN C 57 18.44 7.96 -23.65
N ALA C 58 18.11 6.87 -22.94
CA ALA C 58 18.39 5.51 -23.46
C ALA C 58 17.74 5.34 -24.85
N VAL C 59 16.50 5.77 -24.99
CA VAL C 59 15.76 5.48 -26.24
C VAL C 59 16.15 6.44 -27.32
N LYS C 60 15.98 7.73 -27.03
CA LYS C 60 16.23 8.75 -28.06
C LYS C 60 17.66 8.83 -28.48
N HIS C 61 18.56 8.82 -27.52
CA HIS C 61 19.96 8.98 -27.85
C HIS C 61 20.70 7.66 -27.99
N GLY C 62 20.37 6.70 -27.14
CA GLY C 62 21.04 5.39 -27.14
C GLY C 62 20.47 4.39 -28.15
N GLY C 63 19.33 4.72 -28.70
CA GLY C 63 18.63 3.77 -29.60
C GLY C 63 18.19 2.49 -28.87
N ALA C 64 17.98 2.58 -27.55
CA ALA C 64 17.52 1.39 -26.81
C ALA C 64 16.15 0.86 -27.23
N THR C 65 16.03 -0.47 -27.37
CA THR C 65 14.71 -1.08 -27.60
C THR C 65 14.26 -1.91 -26.42
N LEU C 66 15.11 -1.99 -25.39
CA LEU C 66 14.77 -2.72 -24.21
C LEU C 66 15.34 -1.93 -23.05
N VAL C 67 14.52 -1.75 -22.02
CA VAL C 67 14.94 -1.01 -20.79
C VAL C 67 14.37 -1.76 -19.58
N GLN C 68 15.18 -1.95 -18.51
CA GLN C 68 14.71 -2.55 -17.29
C GLN C 68 14.96 -1.63 -16.14
N LEU C 69 13.93 -1.38 -15.37
CA LEU C 69 14.06 -0.56 -14.18
C LEU C 69 14.09 -1.55 -13.01
N SER C 70 14.80 -1.19 -11.97
CA SER C 70 14.93 -2.05 -10.79
C SER C 70 15.25 -1.22 -9.56
N ALA C 71 14.84 -1.71 -8.36
CA ALA C 71 15.20 -1.04 -7.12
C ALA C 71 15.64 -2.12 -6.13
N VAL C 72 16.79 -1.90 -5.54
CA VAL C 72 17.36 -2.80 -4.51
C VAL C 72 17.46 -1.97 -3.21
N SER C 73 16.86 -2.46 -2.13
CA SER C 73 16.97 -1.78 -0.85
C SER C 73 18.01 -2.40 0.07
N SER C 74 18.49 -1.59 0.98
CA SER C 74 19.49 -2.03 1.95
C SER C 74 19.28 -1.12 3.15
N ARG C 75 20.00 -1.31 4.25
CA ARG C 75 19.91 -0.35 5.37
C ARG C 75 20.28 1.10 5.03
N ALA C 76 21.10 1.29 3.99
CA ALA C 76 21.56 2.63 3.61
C ALA C 76 20.49 3.41 2.77
N GLY C 77 19.61 2.68 2.12
CA GLY C 77 18.59 3.32 1.29
C GLY C 77 18.23 2.47 0.09
N VAL C 78 18.09 3.12 -1.07
CA VAL C 78 17.72 2.40 -2.26
C VAL C 78 18.69 2.68 -3.42
N GLU C 79 18.91 1.68 -4.25
CA GLU C 79 19.70 1.81 -5.46
C GLU C 79 18.71 1.61 -6.58
N ILE C 80 18.41 2.69 -7.28
CA ILE C 80 17.55 2.58 -8.47
C ILE C 80 18.45 2.40 -9.70
N ALA C 81 18.17 1.40 -10.53
CA ALA C 81 18.91 1.27 -11.80
C ALA C 81 18.01 1.30 -13.03
N ILE C 82 18.52 1.94 -14.07
CA ILE C 82 17.86 1.99 -15.38
C ILE C 82 18.87 1.39 -16.30
N ASP C 83 18.65 0.14 -16.72
CA ASP C 83 19.54 -0.52 -17.68
C ASP C 83 18.93 -0.58 -19.09
N ASP C 84 19.77 -0.44 -20.12
CA ASP C 84 19.30 -0.43 -21.52
C ASP C 84 20.22 -1.21 -22.45
N ASN C 85 19.68 -1.57 -23.61
CA ASN C 85 20.45 -2.29 -24.64
C ASN C 85 20.85 -1.37 -25.79
N GLY C 86 20.90 -0.06 -25.53
CA GLY C 86 21.30 0.87 -26.57
C GLY C 86 22.80 0.93 -26.76
N SER C 87 23.27 2.00 -27.40
CA SER C 87 24.72 2.12 -27.68
C SER C 87 25.55 2.56 -26.47
N GLY C 88 24.90 2.87 -25.38
CA GLY C 88 25.66 3.25 -24.17
C GLY C 88 26.20 4.66 -24.13
N VAL C 89 26.93 4.95 -23.04
CA VAL C 89 27.62 6.24 -22.88
C VAL C 89 29.11 5.96 -22.85
N PRO C 90 29.89 6.56 -23.78
CA PRO C 90 31.38 6.36 -23.79
C PRO C 90 32.01 6.72 -22.45
N GLU C 91 33.02 5.94 -22.04
CA GLU C 91 33.64 6.11 -20.73
C GLU C 91 34.07 7.57 -20.45
N GLY C 92 34.61 8.25 -21.46
CA GLY C 92 35.08 9.63 -21.24
C GLY C 92 33.96 10.62 -21.00
N GLU C 93 32.72 10.22 -21.39
CA GLU C 93 31.53 11.08 -21.24
C GLU C 93 30.77 10.83 -19.97
N ARG C 94 31.10 9.75 -19.25
CA ARG C 94 30.19 9.28 -18.16
C ARG C 94 30.06 10.11 -16.88
N GLN C 95 30.96 11.06 -16.68
CA GLN C 95 30.80 12.03 -15.61
C GLN C 95 30.25 13.29 -16.15
N VAL C 96 30.77 13.76 -17.30
CA VAL C 96 30.32 15.02 -17.87
C VAL C 96 28.88 15.08 -18.36
N VAL C 97 28.35 13.92 -18.77
CA VAL C 97 26.97 13.80 -19.20
C VAL C 97 25.97 14.31 -18.11
N PHE C 98 26.35 14.10 -16.85
CA PHE C 98 25.52 14.58 -15.71
C PHE C 98 25.61 16.07 -15.50
N GLU C 99 26.45 16.76 -16.31
CA GLU C 99 26.53 18.24 -16.22
C GLU C 99 25.75 18.92 -17.35
N ARG C 100 25.25 18.15 -18.33
CA ARG C 100 24.54 18.71 -19.51
C ARG C 100 23.06 18.35 -19.55
N PHE C 101 22.29 19.23 -20.19
CA PHE C 101 20.86 19.02 -20.47
C PHE C 101 20.61 18.61 -21.93
N LEU C 114 23.44 10.93 -23.15
CA LEU C 114 23.70 12.22 -23.84
C LEU C 114 23.38 13.53 -23.07
N GLY C 115 22.29 13.63 -22.32
CA GLY C 115 22.19 14.80 -21.36
C GLY C 115 21.42 14.37 -20.11
N LEU C 116 22.12 14.25 -18.98
CA LEU C 116 21.52 13.70 -17.76
C LEU C 116 21.54 14.66 -16.54
N ALA C 117 21.70 15.95 -16.79
CA ALA C 117 21.77 16.97 -15.68
C ALA C 117 20.53 16.91 -14.80
N LEU C 118 19.39 16.63 -15.43
CA LEU C 118 18.16 16.55 -14.61
C LEU C 118 18.31 15.45 -13.57
N VAL C 119 18.90 14.32 -13.96
CA VAL C 119 19.03 13.19 -13.06
C VAL C 119 19.96 13.56 -11.91
N ALA C 120 21.11 14.16 -12.22
CA ALA C 120 22.06 14.51 -11.17
C ALA C 120 21.50 15.55 -10.21
N GLN C 121 20.72 16.47 -10.74
CA GLN C 121 20.14 17.49 -9.97
C GLN C 121 19.23 16.81 -8.90
N GLN C 122 18.42 15.85 -9.31
CA GLN C 122 17.48 15.22 -8.33
C GLN C 122 18.24 14.38 -7.33
N ALA C 123 19.26 13.68 -7.78
CA ALA C 123 20.10 12.90 -6.84
C ALA C 123 20.63 13.82 -5.73
N GLN C 124 21.16 14.97 -6.13
CA GLN C 124 21.75 15.91 -5.18
C GLN C 124 20.70 16.44 -4.20
N LEU C 125 19.52 16.80 -4.71
CA LEU C 125 18.40 17.30 -3.87
C LEU C 125 17.98 16.28 -2.80
N HIS C 126 18.29 15.01 -3.06
CA HIS C 126 17.97 13.90 -2.12
C HIS C 126 19.20 13.41 -1.32
N GLY C 127 20.32 14.11 -1.47
CA GLY C 127 21.54 13.70 -0.76
C GLY C 127 22.12 12.40 -1.26
N GLY C 128 21.86 12.13 -2.54
CA GLY C 128 22.25 10.89 -3.14
C GLY C 128 23.22 11.18 -4.29
N THR C 129 23.49 10.14 -5.04
CA THR C 129 24.40 10.20 -6.18
C THR C 129 23.76 9.60 -7.44
N ALA C 130 24.27 10.02 -8.61
CA ALA C 130 23.88 9.34 -9.88
C ALA C 130 25.16 9.04 -10.64
N SER C 131 25.27 7.84 -11.18
CA SER C 131 26.45 7.48 -11.96
C SER C 131 26.03 6.57 -13.10
N LEU C 132 26.98 6.29 -13.99
CA LEU C 132 26.75 5.48 -15.16
C LEU C 132 27.77 4.38 -15.16
N GLU C 133 27.31 3.17 -15.49
CA GLU C 133 28.17 2.01 -15.66
C GLU C 133 27.71 1.23 -16.88
N ASN C 134 28.44 0.18 -17.20
CA ASN C 134 28.02 -0.70 -18.29
C ASN C 134 26.88 -1.58 -17.88
N SER C 135 25.99 -1.89 -18.80
CA SER C 135 24.85 -2.71 -18.47
C SER C 135 25.05 -4.09 -19.06
N PRO C 136 24.66 -5.13 -18.32
CA PRO C 136 24.55 -6.50 -18.86
C PRO C 136 23.70 -6.62 -20.16
N LEU C 137 22.98 -5.56 -20.50
CA LEU C 137 22.05 -5.59 -21.64
C LEU C 137 22.73 -5.06 -22.89
N GLY C 138 23.87 -4.40 -22.69
CA GLY C 138 24.65 -3.90 -23.79
C GLY C 138 24.85 -2.41 -23.84
N GLY C 139 23.92 -1.64 -23.28
CA GLY C 139 24.03 -0.19 -23.34
C GLY C 139 24.48 0.34 -22.00
N ALA C 140 23.72 1.29 -21.46
CA ALA C 140 24.13 2.00 -20.23
C ALA C 140 23.39 1.49 -19.00
N ARG C 141 23.99 1.66 -17.82
CA ARG C 141 23.29 1.34 -16.58
C ARG C 141 23.42 2.59 -15.73
N LEU C 142 22.31 3.27 -15.52
CA LEU C 142 22.33 4.50 -14.79
C LEU C 142 21.87 4.12 -13.38
N VAL C 143 22.72 4.42 -12.40
CA VAL C 143 22.48 4.02 -11.05
C VAL C 143 22.19 5.28 -10.25
N LEU C 144 21.06 5.29 -9.55
CA LEU C 144 20.74 6.40 -8.72
C LEU C 144 20.63 5.84 -7.28
N ARG C 145 21.44 6.35 -6.36
CA ARG C 145 21.49 5.82 -4.97
C ARG C 145 20.98 6.90 -4.09
N LEU C 146 19.90 6.62 -3.36
CA LEU C 146 19.24 7.61 -2.55
C LEU C 146 19.26 7.14 -1.08
N PRO C 147 19.55 8.04 -0.16
CA PRO C 147 19.56 7.55 1.23
C PRO C 147 18.17 7.29 1.78
N GLY C 148 18.08 6.33 2.69
CA GLY C 148 16.82 5.97 3.29
C GLY C 148 16.42 6.86 4.44
N PRO C 149 15.15 6.71 4.88
CA PRO C 149 14.56 7.62 5.84
C PRO C 149 14.77 7.23 7.29
N SER C 150 15.31 6.05 7.53
CA SER C 150 15.46 5.53 8.92
C SER C 150 16.88 5.74 9.51
C TRS D . -14.04 -1.84 10.41
C1 TRS D . -14.89 -1.87 9.10
C2 TRS D . -13.73 -0.43 10.91
C3 TRS D . -14.68 -2.65 11.52
N TRS D . -12.72 -2.44 10.16
O1 TRS D . -14.56 -0.80 8.23
O2 TRS D . -12.32 -0.39 11.01
O3 TRS D . -16.03 -2.27 11.82
C1 GOL E . -7.87 1.91 17.26
O1 GOL E . -7.83 0.92 18.28
C2 GOL E . -8.37 3.25 17.80
O2 GOL E . -9.76 3.19 17.72
C3 GOL E . -7.93 4.49 17.00
O3 GOL E . -7.76 5.61 17.86
C TRS F . -16.87 -13.87 -16.78
C1 TRS F . -18.09 -14.59 -17.36
C2 TRS F . -15.58 -14.39 -17.44
C3 TRS F . -17.04 -12.34 -16.89
N TRS F . -16.83 -14.15 -15.33
O1 TRS F . -18.17 -14.29 -18.76
O2 TRS F . -14.49 -13.50 -17.16
O3 TRS F . -17.11 -11.98 -15.50
C1 GOL G . -25.07 -7.14 -14.45
O1 GOL G . -26.12 -7.86 -13.81
C2 GOL G . -23.90 -7.14 -13.44
O2 GOL G . -23.96 -8.29 -12.62
C3 GOL G . -22.49 -6.80 -13.96
O3 GOL G . -22.41 -5.44 -14.39
C TRS H . 15.14 1.14 5.04
C1 TRS H . 16.16 2.25 4.78
C2 TRS H . 15.88 -0.15 5.39
C3 TRS H . 14.16 1.52 6.17
N TRS H . 14.41 0.98 3.76
O1 TRS H . 16.06 2.47 3.37
O2 TRS H . 16.52 -0.08 6.68
O3 TRS H . 13.52 2.80 6.13
C1 GOL I . 23.32 3.92 -1.56
O1 GOL I . 22.73 2.62 -1.58
C2 GOL I . 22.59 4.81 -0.58
O2 GOL I . 21.23 4.45 -0.75
C3 GOL I . 22.76 6.34 -0.72
O3 GOL I . 24.09 6.88 -0.69
#